data_4KAK
#
_entry.id   4KAK
#
_cell.length_a   88.077
_cell.length_b   93.634
_cell.length_c   96.039
_cell.angle_alpha   90.00
_cell.angle_beta   90.00
_cell.angle_gamma   90.00
#
_symmetry.space_group_name_H-M   'C 2 2 21'
#
loop_
_entity.id
_entity.type
_entity.pdbx_description
1 polymer 'Dihydrofolate reductase'
2 non-polymer 'NADPH DIHYDRO-NICOTINAMIDE-ADENINE-DINUCLEOTIDE PHOSPHATE'
3 non-polymer 6-ethyl-5-{(3R)-3-[3-methoxy-5-(pyridin-4-yl)phenyl]but-1-yn-1-yl}pyrimidine-2,4-diamine
4 non-polymer ETHANOL
5 non-polymer 'CALCIUM ION'
6 water water
#
_entity_poly.entity_id   1
_entity_poly.type   'polypeptide(L)'
_entity_poly.pdbx_seq_one_letter_code
;VGSLNCIVAVSQNMGIGKNGDLPWPPLRNEFRYFQRMTTTSSVEGKQNLVIMGKKTWFSIPEKNRPLKGRINLVLSRELK
EPPQGAHFLSRSLDDALKLTEQPELANKVDMVWIVGGSSVYKEAMNHPGHLKLFVTRIMQDFESDTFFPEIDLEKYKLLP
EYPGVLSDVQEEKGIKYKFEVYEKND
;
_entity_poly.pdbx_strand_id   A,B
#
# COMPACT_ATOMS: atom_id res chain seq x y z
N VAL A 1 -16.81 -19.74 25.10
CA VAL A 1 -16.45 -18.49 24.45
C VAL A 1 -17.66 -17.56 24.35
N GLY A 2 -17.58 -16.40 25.00
CA GLY A 2 -18.69 -15.46 25.06
C GLY A 2 -18.50 -14.22 24.20
N SER A 3 -17.45 -14.22 23.39
CA SER A 3 -17.14 -13.06 22.57
C SER A 3 -16.18 -13.47 21.46
N LEU A 4 -16.40 -12.94 20.28
CA LEU A 4 -15.52 -13.23 19.15
C LEU A 4 -14.97 -11.90 18.66
N ASN A 5 -13.78 -11.96 18.07
CA ASN A 5 -13.18 -10.82 17.39
C ASN A 5 -12.81 -11.15 15.96
N CYS A 6 -13.04 -10.20 15.06
CA CYS A 6 -12.52 -10.30 13.71
C CYS A 6 -11.49 -9.21 13.48
N ILE A 7 -10.47 -9.52 12.69
CA ILE A 7 -9.48 -8.51 12.35
C ILE A 7 -9.14 -8.62 10.87
N VAL A 8 -9.14 -7.48 10.19
CA VAL A 8 -8.93 -7.47 8.75
C VAL A 8 -8.31 -6.12 8.33
N ALA A 9 -7.59 -6.13 7.21
CA ALA A 9 -7.12 -4.88 6.58
C ALA A 9 -7.75 -4.88 5.21
N VAL A 10 -8.35 -3.75 4.82
CA VAL A 10 -9.20 -3.70 3.62
C VAL A 10 -8.99 -2.42 2.81
N SER A 11 -8.81 -2.56 1.51
CA SER A 11 -8.65 -1.40 0.62
C SER A 11 -9.96 -0.64 0.39
N GLN A 12 -9.87 0.51 -0.28
CA GLN A 12 -11.06 1.33 -0.52
C GLN A 12 -12.11 0.57 -1.34
N ASN A 13 -11.64 -0.28 -2.25
CA ASN A 13 -12.54 -1.08 -3.10
C ASN A 13 -12.88 -2.43 -2.47
N MET A 14 -12.72 -2.50 -1.16
CA MET A 14 -13.05 -3.67 -0.36
C MET A 14 -12.17 -4.91 -0.60
N GLY A 15 -10.98 -4.71 -1.15
CA GLY A 15 -10.05 -5.80 -1.36
C GLY A 15 -9.26 -6.23 -0.13
N ILE A 16 -9.06 -7.54 0.03
CA ILE A 16 -8.23 -8.03 1.11
C ILE A 16 -7.12 -8.94 0.60
N GLY A 17 -7.27 -9.41 -0.64
CA GLY A 17 -6.28 -10.31 -1.20
C GLY A 17 -6.12 -10.22 -2.71
N LYS A 18 -4.96 -10.66 -3.17
CA LYS A 18 -4.63 -10.67 -4.59
C LYS A 18 -3.54 -11.71 -4.87
N ASN A 19 -3.91 -12.72 -5.66
CA ASN A 19 -3.00 -13.79 -6.06
C ASN A 19 -2.36 -14.51 -4.86
N GLY A 20 -3.16 -14.72 -3.82
CA GLY A 20 -2.72 -15.45 -2.65
C GLY A 20 -1.78 -14.66 -1.76
N ASP A 21 -1.81 -13.34 -1.92
CA ASP A 21 -1.01 -12.45 -1.09
C ASP A 21 -1.85 -11.21 -0.82
N LEU A 22 -1.24 -10.21 -0.19
CA LEU A 22 -1.93 -8.96 0.11
C LEU A 22 -1.91 -8.08 -1.14
N PRO A 23 -2.95 -7.25 -1.34
CA PRO A 23 -2.92 -6.42 -2.55
C PRO A 23 -1.89 -5.29 -2.50
N TRP A 24 -1.54 -4.84 -1.30
CA TRP A 24 -0.67 -3.68 -1.12
C TRP A 24 0.72 -4.15 -0.67
N PRO A 25 1.74 -3.29 -0.83
N PRO A 25 1.75 -3.31 -0.88
CA PRO A 25 3.07 -3.56 -0.28
CA PRO A 25 3.07 -3.62 -0.33
C PRO A 25 2.98 -3.78 1.22
C PRO A 25 3.00 -3.77 1.20
N PRO A 26 3.96 -4.51 1.80
CA PRO A 26 3.94 -4.77 3.25
C PRO A 26 3.97 -3.51 4.09
N LEU A 27 3.07 -3.41 5.07
CA LEU A 27 3.01 -2.26 5.98
C LEU A 27 3.43 -2.75 7.36
N ARG A 28 4.67 -2.44 7.75
CA ARG A 28 5.25 -2.99 8.97
CA ARG A 28 5.25 -3.00 8.97
C ARG A 28 4.42 -2.73 10.24
N ASN A 29 4.03 -1.48 10.45
CA ASN A 29 3.26 -1.16 11.65
C ASN A 29 1.86 -1.72 11.64
N GLU A 30 1.28 -1.90 10.45
CA GLU A 30 -0.06 -2.47 10.36
C GLU A 30 0.07 -3.93 10.78
N PHE A 31 1.14 -4.56 10.32
N PHE A 31 1.16 -4.54 10.35
CA PHE A 31 1.46 -5.93 10.72
CA PHE A 31 1.48 -5.92 10.71
C PHE A 31 1.67 -6.06 12.23
C PHE A 31 1.65 -6.05 12.23
N ARG A 32 2.44 -5.16 12.82
CA ARG A 32 2.67 -5.16 14.27
C ARG A 32 1.36 -4.99 15.06
N TYR A 33 0.42 -4.21 14.51
CA TYR A 33 -0.91 -4.06 15.12
C TYR A 33 -1.63 -5.39 15.11
N PHE A 34 -1.63 -6.03 13.96
CA PHE A 34 -2.23 -7.35 13.83
C PHE A 34 -1.64 -8.30 14.85
N GLN A 35 -0.31 -8.29 14.97
CA GLN A 35 0.37 -9.15 15.93
C GLN A 35 -0.03 -8.83 17.36
N ARG A 36 0.01 -7.55 17.72
CA ARG A 36 -0.37 -7.12 19.08
C ARG A 36 -1.80 -7.51 19.46
N MET A 37 -2.75 -7.21 18.58
CA MET A 37 -4.16 -7.49 18.89
C MET A 37 -4.44 -8.98 19.01
N THR A 38 -3.91 -9.77 18.09
CA THR A 38 -4.20 -11.21 18.07
C THR A 38 -3.41 -12.02 19.12
N THR A 39 -2.25 -11.51 19.53
CA THR A 39 -1.37 -12.26 20.44
C THR A 39 -1.60 -11.96 21.93
N THR A 40 -2.02 -10.73 22.22
CA THR A 40 -2.09 -10.28 23.60
C THR A 40 -3.24 -10.94 24.34
N SER A 41 -2.90 -11.78 25.31
CA SER A 41 -3.88 -12.48 26.13
C SER A 41 -4.01 -11.75 27.45
N SER A 42 -5.22 -11.65 27.98
CA SER A 42 -5.41 -10.98 29.27
C SER A 42 -5.28 -11.94 30.45
N VAL A 43 -5.28 -13.24 30.15
CA VAL A 43 -5.13 -14.28 31.17
C VAL A 43 -3.74 -14.93 31.14
N GLU A 44 -2.95 -14.71 32.18
CA GLU A 44 -1.64 -15.36 32.28
C GLU A 44 -1.85 -16.87 32.16
N GLY A 45 -1.04 -17.52 31.35
CA GLY A 45 -1.12 -18.96 31.21
C GLY A 45 -2.07 -19.42 30.11
N LYS A 46 -2.69 -18.48 29.42
CA LYS A 46 -3.54 -18.81 28.28
C LYS A 46 -3.06 -18.08 27.04
N GLN A 47 -3.41 -18.63 25.87
CA GLN A 47 -3.09 -18.00 24.60
C GLN A 47 -4.39 -17.68 23.90
N ASN A 48 -4.35 -16.74 22.98
CA ASN A 48 -5.50 -16.53 22.11
C ASN A 48 -5.54 -17.57 21.04
N LEU A 49 -6.74 -17.82 20.53
CA LEU A 49 -6.93 -18.73 19.40
C LEU A 49 -7.12 -17.90 18.16
N VAL A 50 -6.39 -18.24 17.10
CA VAL A 50 -6.67 -17.65 15.79
C VAL A 50 -7.32 -18.66 14.85
N ILE A 51 -8.40 -18.23 14.19
CA ILE A 51 -9.16 -19.08 13.29
C ILE A 51 -9.08 -18.52 11.90
N MET A 52 -8.72 -19.37 10.93
CA MET A 52 -8.50 -18.89 9.58
C MET A 52 -8.89 -19.91 8.52
N GLY A 53 -9.21 -19.42 7.33
CA GLY A 53 -9.54 -20.31 6.21
C GLY A 53 -8.31 -21.00 5.66
N LYS A 54 -8.50 -21.99 4.79
CA LYS A 54 -7.37 -22.78 4.30
C LYS A 54 -6.40 -21.96 3.47
N LYS A 55 -6.92 -21.14 2.57
CA LYS A 55 -6.07 -20.32 1.70
C LYS A 55 -5.30 -19.28 2.46
N THR A 56 -5.92 -18.74 3.50
CA THR A 56 -5.22 -17.83 4.41
C THR A 56 -4.01 -18.51 5.06
N TRP A 57 -4.21 -19.73 5.56
CA TRP A 57 -3.12 -20.49 6.15
C TRP A 57 -1.95 -20.60 5.17
N PHE A 58 -2.25 -20.96 3.93
CA PHE A 58 -1.19 -21.12 2.93
C PHE A 58 -0.67 -19.80 2.38
N SER A 59 -1.35 -18.70 2.69
CA SER A 59 -0.85 -17.37 2.34
C SER A 59 0.24 -16.90 3.30
N ILE A 60 0.26 -17.44 4.52
CA ILE A 60 1.32 -17.14 5.47
C ILE A 60 2.59 -17.87 5.05
N PRO A 61 3.72 -17.15 4.98
CA PRO A 61 5.03 -17.76 4.69
C PRO A 61 5.28 -18.94 5.61
N GLU A 62 5.70 -20.08 5.05
CA GLU A 62 5.88 -21.31 5.82
C GLU A 62 6.67 -21.10 7.11
N LYS A 63 7.68 -20.24 7.03
CA LYS A 63 8.61 -20.04 8.14
C LYS A 63 7.93 -19.31 9.31
N ASN A 64 6.80 -18.69 9.06
CA ASN A 64 6.08 -17.98 10.10
C ASN A 64 4.86 -18.77 10.56
N ARG A 65 4.66 -19.97 10.00
CA ARG A 65 3.55 -20.83 10.39
C ARG A 65 4.02 -21.88 11.40
N PRO A 66 3.19 -22.14 12.43
CA PRO A 66 1.94 -21.44 12.76
C PRO A 66 2.25 -20.07 13.35
N LEU A 67 1.26 -19.18 13.40
CA LEU A 67 1.48 -17.85 13.97
C LEU A 67 1.92 -18.00 15.42
N LYS A 68 3.13 -17.51 15.73
CA LYS A 68 3.73 -17.73 17.04
C LYS A 68 2.91 -17.12 18.19
N GLY A 69 2.94 -17.79 19.34
CA GLY A 69 2.30 -17.27 20.53
C GLY A 69 0.79 -17.33 20.52
N ARG A 70 0.24 -17.99 19.49
CA ARG A 70 -1.20 -18.17 19.36
C ARG A 70 -1.53 -19.60 18.99
N ILE A 71 -2.69 -20.09 19.40
CA ILE A 71 -3.17 -21.39 18.98
C ILE A 71 -3.83 -21.22 17.61
N ASN A 72 -3.30 -21.93 16.60
CA ASN A 72 -3.74 -21.78 15.22
C ASN A 72 -4.75 -22.85 14.81
N LEU A 73 -5.94 -22.44 14.42
CA LEU A 73 -6.97 -23.36 13.97
C LEU A 73 -7.38 -23.05 12.54
N VAL A 74 -7.40 -24.07 11.69
CA VAL A 74 -7.75 -23.87 10.29
C VAL A 74 -9.13 -24.45 9.97
N LEU A 75 -9.92 -23.70 9.21
CA LEU A 75 -11.23 -24.17 8.78
C LEU A 75 -11.14 -24.77 7.39
N SER A 76 -11.73 -25.95 7.22
CA SER A 76 -11.81 -26.62 5.95
C SER A 76 -12.82 -27.75 6.04
N ARG A 77 -13.65 -27.87 5.01
CA ARG A 77 -14.56 -29.01 4.86
C ARG A 77 -13.86 -30.17 4.15
N GLU A 78 -12.78 -29.86 3.44
CA GLU A 78 -12.11 -30.83 2.59
C GLU A 78 -10.96 -31.59 3.29
N LEU A 79 -10.23 -30.91 4.18
CA LEU A 79 -9.12 -31.54 4.90
C LEU A 79 -9.59 -32.54 5.94
N LYS A 80 -8.76 -33.56 6.22
CA LYS A 80 -9.10 -34.57 7.21
C LYS A 80 -8.24 -34.46 8.47
N GLU A 81 -7.12 -33.76 8.31
N GLU A 81 -7.16 -33.71 8.37
CA GLU A 81 -6.13 -33.51 9.36
CA GLU A 81 -6.36 -33.43 9.55
C GLU A 81 -5.80 -32.01 9.31
C GLU A 81 -5.76 -32.06 9.33
N PRO A 82 -5.27 -31.42 10.39
CA PRO A 82 -4.77 -30.06 10.24
C PRO A 82 -3.59 -30.00 9.29
N PRO A 83 -3.45 -28.87 8.56
CA PRO A 83 -2.28 -28.68 7.69
C PRO A 83 -1.03 -28.79 8.53
N GLN A 84 0.09 -29.19 7.93
CA GLN A 84 1.32 -29.36 8.70
C GLN A 84 1.69 -28.06 9.41
N GLY A 85 1.75 -28.11 10.74
CA GLY A 85 2.12 -26.95 11.54
C GLY A 85 0.94 -26.29 12.25
N ALA A 86 -0.26 -26.54 11.76
CA ALA A 86 -1.46 -26.04 12.43
C ALA A 86 -1.78 -26.89 13.66
N HIS A 87 -2.45 -26.30 14.64
CA HIS A 87 -2.73 -27.03 15.86
C HIS A 87 -4.06 -27.76 15.78
N PHE A 88 -5.03 -27.15 15.12
CA PHE A 88 -6.35 -27.77 15.04
C PHE A 88 -7.02 -27.56 13.69
N LEU A 89 -8.01 -28.39 13.42
CA LEU A 89 -8.80 -28.31 12.22
C LEU A 89 -10.27 -28.48 12.57
N SER A 90 -11.11 -27.65 11.98
CA SER A 90 -12.56 -27.77 12.16
C SER A 90 -13.28 -27.55 10.84
N ARG A 91 -14.49 -28.09 10.75
N ARG A 91 -14.48 -28.11 10.72
CA ARG A 91 -15.25 -28.05 9.51
CA ARG A 91 -15.22 -28.00 9.47
C ARG A 91 -16.10 -26.79 9.46
C ARG A 91 -16.09 -26.77 9.44
N SER A 92 -16.26 -26.14 10.61
CA SER A 92 -17.10 -24.95 10.73
C SER A 92 -16.71 -24.10 11.93
N LEU A 93 -17.11 -22.83 11.91
CA LEU A 93 -16.87 -21.93 13.03
C LEU A 93 -17.50 -22.48 14.31
N ASP A 94 -18.74 -22.94 14.17
CA ASP A 94 -19.46 -23.56 15.27
C ASP A 94 -18.64 -24.69 15.89
N ASP A 95 -18.15 -25.59 15.04
CA ASP A 95 -17.31 -26.69 15.49
C ASP A 95 -16.03 -26.19 16.15
N ALA A 96 -15.45 -25.11 15.62
CA ALA A 96 -14.26 -24.53 16.21
C ALA A 96 -14.50 -24.04 17.64
N LEU A 97 -15.61 -23.33 17.83
CA LEU A 97 -15.91 -22.77 19.14
C LEU A 97 -16.27 -23.87 20.15
N LYS A 98 -16.88 -24.94 19.66
CA LYS A 98 -17.20 -26.09 20.51
C LYS A 98 -15.91 -26.78 20.97
N LEU A 99 -14.91 -26.79 20.10
CA LEU A 99 -13.66 -27.48 20.41
C LEU A 99 -12.94 -26.81 21.57
N THR A 100 -13.17 -25.50 21.74
CA THR A 100 -12.57 -24.76 22.84
C THR A 100 -13.11 -25.22 24.20
N GLU A 101 -14.24 -25.91 24.17
CA GLU A 101 -14.86 -26.41 25.40
C GLU A 101 -14.32 -27.78 25.82
N GLN A 102 -13.85 -28.55 24.84
CA GLN A 102 -13.34 -29.90 25.08
C GLN A 102 -12.11 -29.95 26.00
N PRO A 103 -11.82 -31.14 26.54
CA PRO A 103 -10.73 -31.31 27.52
C PRO A 103 -9.35 -30.77 27.12
N GLU A 104 -8.96 -30.95 25.86
N GLU A 104 -8.96 -30.93 25.86
CA GLU A 104 -7.64 -30.48 25.40
CA GLU A 104 -7.62 -30.49 25.45
C GLU A 104 -7.48 -28.98 25.51
C GLU A 104 -7.47 -28.98 25.49
N LEU A 105 -8.49 -28.24 25.07
CA LEU A 105 -8.41 -26.77 25.04
C LEU A 105 -9.00 -26.12 26.28
N ALA A 106 -9.61 -26.92 27.15
CA ALA A 106 -10.21 -26.41 28.37
C ALA A 106 -9.14 -25.62 29.15
N ASN A 107 -9.46 -24.37 29.46
CA ASN A 107 -8.59 -23.46 30.19
C ASN A 107 -7.23 -23.16 29.53
N LYS A 108 -7.16 -23.26 28.20
CA LYS A 108 -5.95 -22.84 27.49
C LYS A 108 -6.16 -21.63 26.58
N VAL A 109 -7.42 -21.34 26.26
CA VAL A 109 -7.75 -20.25 25.34
C VAL A 109 -8.34 -19.04 26.04
N ASP A 110 -7.80 -17.86 25.75
CA ASP A 110 -8.41 -16.61 26.20
C ASP A 110 -9.34 -16.07 25.12
N MET A 111 -8.84 -15.17 24.28
N MET A 111 -8.84 -15.19 24.26
CA MET A 111 -9.67 -14.57 23.22
CA MET A 111 -9.68 -14.59 23.23
C MET A 111 -9.65 -15.37 21.93
C MET A 111 -9.64 -15.37 21.92
N VAL A 112 -10.72 -15.26 21.15
CA VAL A 112 -10.82 -15.89 19.85
C VAL A 112 -10.77 -14.83 18.74
N TRP A 113 -9.85 -14.99 17.80
CA TRP A 113 -9.66 -14.01 16.72
C TRP A 113 -9.84 -14.64 15.35
N ILE A 114 -10.80 -14.14 14.56
CA ILE A 114 -10.94 -14.59 13.19
C ILE A 114 -10.06 -13.74 12.30
N VAL A 115 -9.14 -14.38 11.56
CA VAL A 115 -8.12 -13.61 10.84
C VAL A 115 -8.19 -13.75 9.31
N GLY A 116 -9.33 -14.23 8.81
CA GLY A 116 -9.56 -14.36 7.37
C GLY A 116 -9.71 -15.81 6.91
N GLY A 117 -10.21 -16.04 5.69
CA GLY A 117 -10.51 -14.98 4.74
C GLY A 117 -11.97 -14.64 4.58
N SER A 118 -12.35 -14.32 3.34
N SER A 118 -12.38 -14.32 3.35
CA SER A 118 -13.69 -13.81 3.01
CA SER A 118 -13.72 -13.77 3.10
C SER A 118 -14.85 -14.58 3.64
C SER A 118 -14.88 -14.58 3.67
N SER A 119 -14.92 -15.89 3.39
CA SER A 119 -16.02 -16.70 3.90
C SER A 119 -15.96 -16.94 5.41
N VAL A 120 -14.78 -16.83 6.00
CA VAL A 120 -14.68 -16.96 7.45
C VAL A 120 -15.24 -15.71 8.11
N TYR A 121 -14.90 -14.54 7.56
CA TYR A 121 -15.45 -13.29 8.06
C TYR A 121 -16.96 -13.25 7.91
N LYS A 122 -17.46 -13.73 6.78
CA LYS A 122 -18.89 -13.73 6.54
C LYS A 122 -19.67 -14.54 7.58
N GLU A 123 -19.19 -15.73 7.88
CA GLU A 123 -19.82 -16.57 8.90
C GLU A 123 -19.67 -15.98 10.29
N ALA A 124 -18.47 -15.51 10.62
CA ALA A 124 -18.21 -14.95 11.93
C ALA A 124 -19.06 -13.71 12.23
N MET A 125 -19.19 -12.83 11.25
CA MET A 125 -19.91 -11.58 11.45
C MET A 125 -21.39 -11.80 11.73
N ASN A 126 -21.88 -12.99 11.35
CA ASN A 126 -23.28 -13.35 11.59
C ASN A 126 -23.47 -14.27 12.79
N HIS A 127 -22.39 -14.66 13.45
CA HIS A 127 -22.46 -15.50 14.65
C HIS A 127 -23.15 -14.72 15.77
N PRO A 128 -24.01 -15.39 16.54
CA PRO A 128 -24.75 -14.67 17.60
C PRO A 128 -23.87 -14.16 18.75
N GLY A 129 -24.31 -13.08 19.39
CA GLY A 129 -23.65 -12.59 20.59
C GLY A 129 -22.72 -11.42 20.36
N HIS A 130 -21.88 -11.13 21.35
CA HIS A 130 -20.94 -10.00 21.25
C HIS A 130 -19.85 -10.28 20.24
N LEU A 131 -19.61 -9.31 19.36
CA LEU A 131 -18.61 -9.44 18.34
C LEU A 131 -17.95 -8.10 18.09
N LYS A 132 -16.62 -8.09 18.03
CA LYS A 132 -15.91 -6.88 17.62
C LYS A 132 -15.20 -7.13 16.31
N LEU A 133 -15.28 -6.15 15.41
CA LEU A 133 -14.58 -6.16 14.14
C LEU A 133 -13.52 -5.08 14.14
N PHE A 134 -12.27 -5.48 14.06
CA PHE A 134 -11.15 -4.54 13.96
C PHE A 134 -10.79 -4.42 12.50
N VAL A 135 -11.15 -3.29 11.89
CA VAL A 135 -11.00 -3.11 10.45
C VAL A 135 -10.00 -2.00 10.15
N THR A 136 -8.91 -2.33 9.47
CA THR A 136 -7.99 -1.30 9.03
C THR A 136 -8.43 -0.85 7.64
N ARG A 137 -8.82 0.41 7.53
CA ARG A 137 -9.25 0.98 6.26
C ARG A 137 -8.05 1.52 5.53
N ILE A 138 -7.60 0.81 4.51
CA ILE A 138 -6.51 1.30 3.69
C ILE A 138 -7.12 2.26 2.68
N MET A 139 -6.68 3.51 2.73
CA MET A 139 -7.45 4.56 2.09
C MET A 139 -7.09 4.80 0.63
N GLN A 140 -7.00 3.72 -0.14
CA GLN A 140 -6.89 3.81 -1.60
C GLN A 140 -7.20 2.47 -2.25
N ASP A 141 -7.39 2.48 -3.57
CA ASP A 141 -7.75 1.28 -4.29
C ASP A 141 -6.53 0.42 -4.57
N PHE A 142 -6.69 -0.88 -4.45
CA PHE A 142 -5.66 -1.83 -4.88
C PHE A 142 -6.34 -2.95 -5.65
N GLU A 143 -5.69 -3.42 -6.69
N GLU A 143 -5.70 -3.42 -6.70
CA GLU A 143 -6.19 -4.53 -7.49
CA GLU A 143 -6.22 -4.52 -7.50
C GLU A 143 -6.34 -5.77 -6.62
C GLU A 143 -6.34 -5.78 -6.64
N SER A 144 -7.54 -6.34 -6.58
CA SER A 144 -7.81 -7.47 -5.69
C SER A 144 -8.65 -8.58 -6.33
N ASP A 145 -8.54 -9.78 -5.78
CA ASP A 145 -9.34 -10.93 -6.21
C ASP A 145 -10.12 -11.57 -5.07
N THR A 146 -9.95 -11.00 -3.87
CA THR A 146 -10.66 -11.44 -2.67
C THR A 146 -11.15 -10.19 -1.93
N PHE A 147 -12.38 -10.22 -1.45
CA PHE A 147 -13.00 -9.02 -0.90
C PHE A 147 -13.62 -9.22 0.48
N PHE A 148 -13.74 -8.13 1.24
CA PHE A 148 -14.32 -8.19 2.57
C PHE A 148 -15.81 -7.92 2.50
N PRO A 149 -16.64 -8.82 3.07
CA PRO A 149 -18.10 -8.63 3.06
C PRO A 149 -18.47 -7.29 3.67
N GLU A 150 -19.53 -6.67 3.14
CA GLU A 150 -19.96 -5.36 3.63
C GLU A 150 -20.45 -5.43 5.07
N ILE A 151 -20.25 -4.36 5.82
CA ILE A 151 -20.64 -4.37 7.22
C ILE A 151 -22.07 -3.86 7.39
N ASP A 152 -22.91 -4.71 7.96
CA ASP A 152 -24.32 -4.41 8.20
C ASP A 152 -24.46 -3.44 9.36
N LEU A 153 -24.72 -2.17 9.08
CA LEU A 153 -24.87 -1.17 10.14
C LEU A 153 -26.19 -1.28 10.91
N GLU A 154 -27.04 -2.21 10.50
CA GLU A 154 -28.22 -2.55 11.29
C GLU A 154 -27.81 -3.33 12.53
N LYS A 155 -26.71 -4.08 12.42
CA LYS A 155 -26.22 -4.88 13.54
C LYS A 155 -25.00 -4.26 14.19
N TYR A 156 -24.10 -3.71 13.38
CA TYR A 156 -22.83 -3.19 13.89
C TYR A 156 -22.79 -1.68 14.03
N LYS A 157 -22.16 -1.21 15.10
CA LYS A 157 -21.91 0.20 15.27
C LYS A 157 -20.41 0.50 15.22
N LEU A 158 -20.06 1.56 14.51
CA LEU A 158 -18.70 2.05 14.51
C LEU A 158 -18.45 2.80 15.82
N LEU A 159 -17.46 2.35 16.58
CA LEU A 159 -17.12 2.99 17.85
C LEU A 159 -16.20 4.19 17.56
N PRO A 160 -16.56 5.37 18.06
CA PRO A 160 -15.84 6.61 17.71
C PRO A 160 -14.38 6.59 18.12
N GLU A 161 -14.09 5.97 19.26
CA GLU A 161 -12.70 5.73 19.61
C GLU A 161 -12.71 4.45 20.40
N TYR A 162 -11.53 3.94 20.70
CA TYR A 162 -11.47 2.71 21.43
C TYR A 162 -10.15 2.59 22.14
N PRO A 163 -10.19 2.24 23.44
CA PRO A 163 -8.96 2.12 24.23
C PRO A 163 -7.99 1.16 23.58
N GLY A 164 -6.74 1.58 23.42
CA GLY A 164 -5.73 0.72 22.86
C GLY A 164 -5.62 0.81 21.34
N VAL A 165 -6.49 1.61 20.71
CA VAL A 165 -6.49 1.74 19.26
C VAL A 165 -6.30 3.20 18.86
N LEU A 166 -5.30 3.48 18.04
CA LEU A 166 -5.07 4.85 17.56
C LEU A 166 -6.21 5.32 16.67
N SER A 167 -6.58 6.59 16.83
CA SER A 167 -7.72 7.15 16.09
C SER A 167 -7.33 7.89 14.83
N ASP A 168 -6.13 8.49 14.81
CA ASP A 168 -5.74 9.35 13.69
C ASP A 168 -5.33 8.53 12.49
N VAL A 169 -5.36 9.18 11.33
CA VAL A 169 -4.91 8.52 10.09
C VAL A 169 -3.43 8.23 10.21
N GLN A 170 -3.05 7.01 9.81
CA GLN A 170 -1.68 6.53 9.81
C GLN A 170 -1.14 6.57 8.41
N GLU A 171 0.19 6.60 8.28
CA GLU A 171 0.83 6.53 6.98
C GLU A 171 2.11 5.71 7.06
N GLU A 172 2.22 4.72 6.17
CA GLU A 172 3.45 3.97 5.99
C GLU A 172 3.69 3.81 4.51
N LYS A 173 4.92 4.03 4.05
CA LYS A 173 5.22 3.86 2.62
C LYS A 173 4.28 4.61 1.69
N GLY A 174 3.85 5.80 2.09
CA GLY A 174 2.96 6.61 1.30
C GLY A 174 1.51 6.17 1.25
N ILE A 175 1.17 5.14 2.03
CA ILE A 175 -0.18 4.61 2.01
C ILE A 175 -0.89 5.01 3.31
N LYS A 176 -1.99 5.74 3.21
CA LYS A 176 -2.73 6.18 4.38
C LYS A 176 -3.74 5.12 4.79
N TYR A 177 -3.89 4.93 6.10
CA TYR A 177 -4.89 4.02 6.61
C TYR A 177 -5.34 4.44 8.00
N LYS A 178 -6.48 3.92 8.43
N LYS A 178 -6.46 3.89 8.44
CA LYS A 178 -6.91 4.15 9.81
CA LYS A 178 -6.87 4.13 9.81
C LYS A 178 -7.53 2.91 10.43
C LYS A 178 -7.51 2.89 10.43
N PHE A 179 -7.40 2.79 11.74
CA PHE A 179 -7.92 1.65 12.48
C PHE A 179 -9.34 1.94 12.92
N GLU A 180 -10.27 1.06 12.59
CA GLU A 180 -11.66 1.19 13.01
C GLU A 180 -12.03 0.01 13.88
N VAL A 181 -12.95 0.24 14.81
CA VAL A 181 -13.52 -0.84 15.58
C VAL A 181 -15.04 -0.79 15.51
N TYR A 182 -15.65 -1.91 15.10
CA TYR A 182 -17.10 -2.06 15.08
C TYR A 182 -17.54 -3.07 16.13
N GLU A 183 -18.78 -2.96 16.58
CA GLU A 183 -19.25 -3.83 17.66
C GLU A 183 -20.74 -4.13 17.51
N LYS A 184 -21.11 -5.39 17.73
CA LYS A 184 -22.52 -5.76 17.93
C LYS A 184 -22.61 -6.54 19.23
N ASN A 185 -23.75 -6.45 19.91
CA ASN A 185 -23.88 -7.12 21.19
C ASN A 185 -24.78 -8.35 21.15
N ASP A 186 -25.51 -8.49 20.05
CA ASP A 186 -26.53 -9.54 19.96
C ASP A 186 -26.38 -10.39 18.71
N VAL B 1 3.49 16.41 3.84
CA VAL B 1 3.71 15.35 2.89
C VAL B 1 4.72 14.35 3.46
N GLY B 2 4.29 13.11 3.64
CA GLY B 2 5.11 12.11 4.30
C GLY B 2 5.74 11.13 3.34
N SER B 3 5.60 11.42 2.05
CA SER B 3 6.10 10.52 1.02
C SER B 3 6.21 11.25 -0.31
N LEU B 4 7.32 11.03 -0.99
CA LEU B 4 7.53 11.61 -2.31
C LEU B 4 7.73 10.49 -3.28
N ASN B 5 7.37 10.74 -4.54
CA ASN B 5 7.68 9.81 -5.62
C ASN B 5 8.48 10.52 -6.72
N CYS B 6 9.45 9.81 -7.28
CA CYS B 6 10.15 10.28 -8.47
C CYS B 6 9.84 9.32 -9.59
N ILE B 7 9.77 9.86 -10.81
CA ILE B 7 9.54 9.02 -11.97
C ILE B 7 10.45 9.53 -13.09
N VAL B 8 11.15 8.59 -13.72
CA VAL B 8 12.17 8.92 -14.73
C VAL B 8 12.32 7.76 -15.71
N ALA B 9 12.74 8.08 -16.94
CA ALA B 9 13.12 7.05 -17.90
C ALA B 9 14.57 7.34 -18.24
N VAL B 10 15.41 6.32 -18.23
CA VAL B 10 16.86 6.53 -18.32
C VAL B 10 17.52 5.52 -19.25
N SER B 11 18.36 5.99 -20.17
CA SER B 11 19.06 5.09 -21.06
C SER B 11 20.19 4.34 -20.34
N GLN B 12 20.80 3.38 -21.03
CA GLN B 12 21.83 2.52 -20.45
C GLN B 12 23.04 3.33 -19.99
N ASN B 13 23.32 4.42 -20.71
CA ASN B 13 24.41 5.33 -20.39
C ASN B 13 23.97 6.45 -19.46
N MET B 14 22.86 6.21 -18.77
CA MET B 14 22.31 7.13 -17.77
C MET B 14 21.74 8.43 -18.34
N GLY B 15 21.43 8.47 -19.62
CA GLY B 15 20.86 9.68 -20.21
C GLY B 15 19.36 9.85 -20.02
N ILE B 16 18.92 11.09 -19.81
CA ILE B 16 17.49 11.39 -19.72
C ILE B 16 17.03 12.48 -20.68
N GLY B 17 17.96 13.27 -21.20
CA GLY B 17 17.58 14.32 -22.11
C GLY B 17 18.62 14.62 -23.15
N LYS B 18 18.18 15.19 -24.26
CA LYS B 18 19.05 15.58 -25.36
C LYS B 18 18.41 16.71 -26.16
N ASN B 19 19.08 17.86 -26.18
CA ASN B 19 18.62 19.02 -26.93
C ASN B 19 17.22 19.45 -26.53
N GLY B 20 16.89 19.34 -25.24
CA GLY B 20 15.61 19.78 -24.75
C GLY B 20 14.48 18.82 -25.09
N ASP B 21 14.84 17.59 -25.44
CA ASP B 21 13.85 16.55 -25.73
C ASP B 21 14.37 15.22 -25.19
N LEU B 22 13.65 14.14 -25.46
CA LEU B 22 14.08 12.82 -25.00
C LEU B 22 15.17 12.29 -25.93
N PRO B 23 16.10 11.49 -25.39
CA PRO B 23 17.18 10.97 -26.24
C PRO B 23 16.70 9.93 -27.26
N TRP B 24 15.61 9.24 -26.95
CA TRP B 24 15.06 8.16 -27.77
C TRP B 24 13.78 8.60 -28.48
N PRO B 25 13.38 7.86 -29.55
CA PRO B 25 12.08 8.11 -30.19
C PRO B 25 10.94 7.95 -29.20
N PRO B 26 9.79 8.59 -29.44
CA PRO B 26 8.68 8.50 -28.49
C PRO B 26 8.19 7.06 -28.30
N LEU B 27 8.04 6.67 -27.03
CA LEU B 27 7.53 5.35 -26.67
C LEU B 27 6.15 5.51 -26.04
N ARG B 28 5.15 5.16 -26.84
CA ARG B 28 3.76 5.41 -26.50
CA ARG B 28 3.74 5.38 -26.51
C ARG B 28 3.32 4.78 -25.17
N ASN B 29 3.60 3.51 -24.98
CA ASN B 29 3.18 2.87 -23.72
C ASN B 29 3.98 3.32 -22.51
N GLU B 30 5.24 3.72 -22.73
CA GLU B 30 6.05 4.25 -21.62
C GLU B 30 5.46 5.58 -21.19
N PHE B 31 5.05 6.38 -22.17
CA PHE B 31 4.37 7.63 -21.88
C PHE B 31 3.04 7.42 -21.13
N ARG B 32 2.24 6.46 -21.57
CA ARG B 32 1.00 6.14 -20.83
C ARG B 32 1.24 5.69 -19.41
N TYR B 33 2.33 4.96 -19.18
CA TYR B 33 2.75 4.55 -17.84
C TYR B 33 3.03 5.79 -17.00
N PHE B 34 3.80 6.72 -17.55
CA PHE B 34 4.04 7.98 -16.87
C PHE B 34 2.74 8.71 -16.56
N GLN B 35 1.84 8.76 -17.54
CA GLN B 35 0.54 9.41 -17.34
C GLN B 35 -0.27 8.68 -16.26
N ARG B 36 -0.36 7.36 -16.37
CA ARG B 36 -1.10 6.58 -15.36
C ARG B 36 -0.56 6.79 -13.95
N MET B 37 0.76 6.68 -13.77
CA MET B 37 1.34 6.78 -12.43
C MET B 37 1.19 8.16 -11.82
N THR B 38 1.42 9.20 -12.62
CA THR B 38 1.40 10.55 -12.08
C THR B 38 -0.01 11.09 -11.93
N THR B 39 -0.96 10.56 -12.72
CA THR B 39 -2.33 11.10 -12.71
C THR B 39 -3.27 10.37 -11.75
N THR B 40 -3.03 9.08 -11.55
CA THR B 40 -4.02 8.25 -10.86
C THR B 40 -4.14 8.54 -9.37
N SER B 41 -5.32 9.01 -8.97
CA SER B 41 -5.66 9.20 -7.57
C SER B 41 -7.06 8.62 -7.33
N SER B 42 -7.18 7.75 -6.34
CA SER B 42 -8.46 7.15 -5.96
C SER B 42 -9.12 7.93 -4.83
N VAL B 43 -8.46 9.00 -4.37
CA VAL B 43 -8.99 9.84 -3.30
C VAL B 43 -9.81 10.99 -3.87
N GLU B 44 -11.13 10.87 -3.71
CA GLU B 44 -12.07 11.85 -4.25
C GLU B 44 -11.84 13.27 -3.77
N GLY B 45 -11.90 14.21 -4.73
CA GLY B 45 -11.78 15.61 -4.42
C GLY B 45 -10.34 16.06 -4.41
N LYS B 46 -9.43 15.13 -4.65
CA LYS B 46 -8.02 15.50 -4.69
C LYS B 46 -7.35 15.12 -6.01
N GLN B 47 -6.29 15.85 -6.34
CA GLN B 47 -5.45 15.56 -7.51
C GLN B 47 -4.02 15.36 -7.05
N ASN B 48 -3.22 14.65 -7.86
CA ASN B 48 -1.79 14.58 -7.60
C ASN B 48 -1.08 15.85 -8.03
N LEU B 49 0.06 16.11 -7.40
CA LEU B 49 0.91 17.23 -7.76
C LEU B 49 2.13 16.73 -8.53
N VAL B 50 2.42 17.35 -9.66
CA VAL B 50 3.68 17.13 -10.34
C VAL B 50 4.61 18.33 -10.16
N ILE B 51 5.85 18.04 -9.79
CA ILE B 51 6.88 19.05 -9.54
C ILE B 51 7.97 18.85 -10.57
N MET B 52 8.39 19.94 -11.22
CA MET B 52 9.35 19.80 -12.30
C MET B 52 10.29 21.00 -12.40
N GLY B 53 11.46 20.81 -13.02
CA GLY B 53 12.37 21.90 -13.29
C GLY B 53 11.89 22.76 -14.45
N LYS B 54 12.50 23.92 -14.65
CA LYS B 54 12.03 24.86 -15.66
C LYS B 54 12.19 24.36 -17.10
N LYS B 55 13.34 23.77 -17.38
CA LYS B 55 13.61 23.25 -18.72
C LYS B 55 12.65 22.10 -19.08
N THR B 56 12.33 21.29 -18.07
CA THR B 56 11.34 20.23 -18.22
C THR B 56 9.98 20.76 -18.62
N TRP B 57 9.54 21.81 -17.93
CA TRP B 57 8.28 22.45 -18.26
C TRP B 57 8.26 22.85 -19.73
N PHE B 58 9.31 23.52 -20.18
CA PHE B 58 9.35 24.01 -21.56
C PHE B 58 9.65 22.92 -22.57
N SER B 59 10.06 21.74 -22.07
CA SER B 59 10.26 20.58 -22.94
C SER B 59 8.92 19.90 -23.25
N ILE B 60 7.92 20.12 -22.41
CA ILE B 60 6.58 19.62 -22.71
C ILE B 60 5.98 20.50 -23.81
N PRO B 61 5.44 19.87 -24.87
CA PRO B 61 4.74 20.60 -25.93
C PRO B 61 3.67 21.51 -25.35
N GLU B 62 3.68 22.77 -25.77
CA GLU B 62 2.78 23.81 -25.25
C GLU B 62 1.30 23.40 -25.17
N LYS B 63 0.83 22.67 -26.17
CA LYS B 63 -0.57 22.27 -26.25
C LYS B 63 -0.93 21.19 -25.22
N ASN B 64 0.09 20.55 -24.63
CA ASN B 64 -0.14 19.54 -23.62
C ASN B 64 0.16 20.07 -22.22
N ARG B 65 0.47 21.37 -22.15
CA ARG B 65 0.71 22.04 -20.87
C ARG B 65 -0.53 22.81 -20.43
N PRO B 66 -0.84 22.77 -19.12
CA PRO B 66 -0.15 21.96 -18.11
C PRO B 66 -0.56 20.50 -18.26
N LEU B 67 0.18 19.59 -17.63
CA LEU B 67 -0.19 18.17 -17.69
C LEU B 67 -1.59 18.00 -17.12
N LYS B 68 -2.50 17.50 -17.95
CA LYS B 68 -3.92 17.42 -17.61
C LYS B 68 -4.19 16.54 -16.39
N GLY B 69 -5.20 16.90 -15.61
CA GLY B 69 -5.62 16.08 -14.48
C GLY B 69 -4.67 16.09 -13.30
N ARG B 70 -3.64 16.93 -13.36
CA ARG B 70 -2.65 17.05 -12.28
C ARG B 70 -2.39 18.50 -11.98
N ILE B 71 -2.02 18.79 -10.73
CA ILE B 71 -1.61 20.13 -10.37
C ILE B 71 -0.13 20.30 -10.71
N ASN B 72 0.16 21.26 -11.60
CA ASN B 72 1.52 21.46 -12.10
C ASN B 72 2.28 22.52 -11.33
N LEU B 73 3.39 22.14 -10.71
CA LEU B 73 4.26 23.09 -10.03
C LEU B 73 5.63 23.10 -10.66
N VAL B 74 6.14 24.28 -10.97
CA VAL B 74 7.45 24.41 -11.60
C VAL B 74 8.45 24.98 -10.61
N LEU B 75 9.66 24.42 -10.59
CA LEU B 75 10.73 24.96 -9.75
C LEU B 75 11.57 25.94 -10.57
N SER B 76 11.84 27.10 -9.99
CA SER B 76 12.69 28.10 -10.63
C SER B 76 13.09 29.11 -9.56
N ARG B 77 14.35 29.51 -9.56
CA ARG B 77 14.81 30.56 -8.65
C ARG B 77 14.59 31.96 -9.21
N GLU B 78 14.50 32.07 -10.54
CA GLU B 78 14.36 33.36 -11.21
C GLU B 78 12.94 33.81 -11.60
N LEU B 79 12.03 32.88 -11.89
CA LEU B 79 10.69 33.33 -12.24
C LEU B 79 10.00 33.93 -11.02
N LYS B 80 9.10 34.89 -11.24
CA LYS B 80 8.36 35.51 -10.16
C LYS B 80 6.96 34.97 -10.26
N GLU B 81 6.68 34.41 -11.43
CA GLU B 81 5.38 33.85 -11.72
C GLU B 81 5.55 32.44 -12.24
N PRO B 82 4.50 31.61 -12.12
CA PRO B 82 4.53 30.34 -12.81
C PRO B 82 4.53 30.63 -14.30
N PRO B 83 5.20 29.79 -15.11
CA PRO B 83 5.12 29.94 -16.56
C PRO B 83 3.68 29.85 -17.03
N GLN B 84 3.38 30.43 -18.19
CA GLN B 84 2.02 30.41 -18.70
C GLN B 84 1.42 29.01 -18.76
N GLY B 85 0.36 28.79 -18.00
CA GLY B 85 -0.33 27.52 -17.98
C GLY B 85 -0.05 26.70 -16.73
N ALA B 86 1.04 27.03 -16.05
CA ALA B 86 1.37 26.39 -14.78
C ALA B 86 0.51 26.90 -13.63
N HIS B 87 0.34 26.07 -12.60
CA HIS B 87 -0.53 26.42 -11.49
C HIS B 87 0.23 27.08 -10.34
N PHE B 88 1.43 26.61 -10.09
CA PHE B 88 2.22 27.13 -8.99
C PHE B 88 3.69 27.20 -9.34
N LEU B 89 4.41 28.05 -8.60
CA LEU B 89 5.85 28.20 -8.74
C LEU B 89 6.44 28.23 -7.34
N SER B 90 7.56 27.52 -7.15
CA SER B 90 8.26 27.53 -5.87
C SER B 90 9.76 27.60 -6.13
N ARG B 91 10.52 28.07 -5.13
CA ARG B 91 11.95 28.32 -5.30
C ARG B 91 12.81 27.12 -5.00
N SER B 92 12.22 26.16 -4.31
CA SER B 92 12.96 24.98 -3.87
C SER B 92 11.95 23.86 -3.65
N LEU B 93 12.44 22.63 -3.60
CA LEU B 93 11.59 21.51 -3.30
C LEU B 93 10.91 21.70 -1.94
N ASP B 94 11.71 22.13 -0.96
CA ASP B 94 11.20 22.42 0.38
C ASP B 94 10.00 23.37 0.33
N ASP B 95 10.16 24.49 -0.39
CA ASP B 95 9.09 25.47 -0.54
C ASP B 95 7.86 24.89 -1.21
N ALA B 96 8.07 24.03 -2.20
CA ALA B 96 6.96 23.39 -2.88
C ALA B 96 6.12 22.54 -1.94
N LEU B 97 6.79 21.75 -1.10
CA LEU B 97 6.09 20.86 -0.16
C LEU B 97 5.38 21.62 0.95
N LYS B 98 5.96 22.75 1.35
CA LYS B 98 5.35 23.61 2.36
C LYS B 98 4.06 24.19 1.82
N LEU B 99 4.09 24.50 0.53
CA LEU B 99 2.98 25.15 -0.16
C LEU B 99 1.76 24.23 -0.18
N THR B 100 2.01 22.92 -0.12
CA THR B 100 0.92 21.94 -0.06
C THR B 100 0.15 22.03 1.26
N GLU B 101 0.77 22.67 2.25
CA GLU B 101 0.14 22.87 3.56
C GLU B 101 -0.72 24.13 3.63
N GLN B 102 -0.43 25.11 2.78
CA GLN B 102 -1.19 26.36 2.77
C GLN B 102 -2.65 26.12 2.34
N PRO B 103 -3.55 27.06 2.66
CA PRO B 103 -4.99 26.91 2.39
C PRO B 103 -5.41 26.51 0.97
N GLU B 104 -4.77 27.06 -0.06
CA GLU B 104 -5.17 26.78 -1.44
C GLU B 104 -5.05 25.30 -1.79
N LEU B 105 -3.93 24.70 -1.41
CA LEU B 105 -3.66 23.30 -1.77
C LEU B 105 -4.02 22.31 -0.67
N ALA B 106 -4.28 22.84 0.53
CA ALA B 106 -4.64 22.00 1.67
C ALA B 106 -5.85 21.15 1.29
N ASN B 107 -5.72 19.84 1.41
CA ASN B 107 -6.79 18.92 1.03
C ASN B 107 -7.19 19.05 -0.44
N LYS B 108 -6.23 19.49 -1.25
CA LYS B 108 -6.37 19.45 -2.70
C LYS B 108 -5.37 18.48 -3.32
N VAL B 109 -4.29 18.19 -2.59
CA VAL B 109 -3.21 17.36 -3.14
C VAL B 109 -3.19 15.94 -2.54
N ASP B 110 -3.18 14.92 -3.39
CA ASP B 110 -2.97 13.55 -2.95
C ASP B 110 -1.47 13.21 -2.96
N MET B 111 -0.98 12.56 -4.02
CA MET B 111 0.44 12.17 -4.11
C MET B 111 1.28 13.28 -4.74
N VAL B 112 2.56 13.33 -4.39
CA VAL B 112 3.50 14.26 -4.99
C VAL B 112 4.50 13.51 -5.89
N TRP B 113 4.63 13.95 -7.14
CA TRP B 113 5.51 13.30 -8.11
C TRP B 113 6.53 14.27 -8.65
N ILE B 114 7.81 13.93 -8.49
CA ILE B 114 8.90 14.66 -9.12
C ILE B 114 9.15 14.05 -10.49
N VAL B 115 9.06 14.89 -11.53
CA VAL B 115 9.09 14.39 -12.90
C VAL B 115 10.26 14.91 -13.75
N GLY B 116 11.27 15.45 -13.07
CA GLY B 116 12.49 15.94 -13.71
C GLY B 116 12.73 17.44 -13.61
N GLY B 117 13.94 17.89 -13.92
CA GLY B 117 15.01 17.03 -14.37
C GLY B 117 16.07 16.73 -13.34
N SER B 118 17.32 16.62 -13.81
CA SER B 118 18.46 16.13 -13.02
C SER B 118 18.61 16.69 -11.60
N SER B 119 18.66 18.01 -11.44
N SER B 119 18.67 18.02 -11.48
CA SER B 119 18.85 18.62 -10.13
CA SER B 119 18.82 18.68 -10.18
C SER B 119 17.61 18.49 -9.25
C SER B 119 17.63 18.46 -9.27
N VAL B 120 16.45 18.30 -9.88
CA VAL B 120 15.22 18.07 -9.15
C VAL B 120 15.25 16.65 -8.54
N TYR B 121 15.70 15.67 -9.32
CA TYR B 121 15.85 14.28 -8.84
C TYR B 121 16.89 14.18 -7.73
N LYS B 122 18.01 14.85 -7.94
CA LYS B 122 19.13 14.85 -7.01
C LYS B 122 18.70 15.35 -5.64
N GLU B 123 17.99 16.46 -5.61
CA GLU B 123 17.48 17.03 -4.37
C GLU B 123 16.42 16.13 -3.74
N ALA B 124 15.49 15.63 -4.56
CA ALA B 124 14.42 14.77 -4.05
C ALA B 124 14.96 13.48 -3.45
N MET B 125 15.93 12.86 -4.13
N MET B 125 15.94 12.87 -4.12
CA MET B 125 16.46 11.58 -3.70
CA MET B 125 16.45 11.57 -3.70
C MET B 125 17.19 11.63 -2.35
C MET B 125 17.22 11.62 -2.37
N ASN B 126 17.58 12.82 -1.94
CA ASN B 126 18.22 13.03 -0.64
C ASN B 126 17.28 13.60 0.42
N HIS B 127 16.05 13.89 0.03
CA HIS B 127 15.06 14.41 0.96
C HIS B 127 14.72 13.33 2.00
N PRO B 128 14.60 13.73 3.27
CA PRO B 128 14.37 12.76 4.35
C PRO B 128 13.00 12.08 4.26
N GLY B 129 12.91 10.85 4.75
CA GLY B 129 11.64 10.16 4.83
C GLY B 129 11.41 9.14 3.74
N HIS B 130 10.17 8.70 3.59
CA HIS B 130 9.84 7.68 2.59
C HIS B 130 9.87 8.21 1.17
N LEU B 131 10.55 7.49 0.29
CA LEU B 131 10.66 7.89 -1.10
C LEU B 131 10.66 6.70 -2.03
N LYS B 132 9.84 6.77 -3.08
CA LYS B 132 9.91 5.75 -4.13
C LYS B 132 10.44 6.36 -5.43
N LEU B 133 11.30 5.61 -6.11
CA LEU B 133 11.81 5.97 -7.43
C LEU B 133 11.29 4.97 -8.45
N PHE B 134 10.50 5.46 -9.39
CA PHE B 134 9.98 4.67 -10.50
C PHE B 134 10.87 4.93 -11.70
N VAL B 135 11.73 3.95 -11.98
CA VAL B 135 12.77 4.12 -12.98
C VAL B 135 12.55 3.20 -14.16
N THR B 136 12.36 3.77 -15.34
CA THR B 136 12.29 2.97 -16.55
C THR B 136 13.69 2.83 -17.13
N ARG B 137 14.19 1.61 -17.16
CA ARG B 137 15.51 1.33 -17.71
C ARG B 137 15.38 1.04 -19.21
N ILE B 138 15.75 2.00 -20.04
CA ILE B 138 15.80 1.79 -21.47
C ILE B 138 17.13 1.11 -21.78
N MET B 139 17.03 -0.09 -22.32
CA MET B 139 18.15 -1.03 -22.37
C MET B 139 19.01 -0.88 -23.63
N GLN B 140 19.40 0.36 -23.90
CA GLN B 140 20.42 0.63 -24.91
C GLN B 140 20.92 2.05 -24.76
N ASP B 141 22.02 2.37 -25.43
CA ASP B 141 22.63 3.69 -25.33
C ASP B 141 21.95 4.70 -26.23
N PHE B 142 21.77 5.92 -25.73
CA PHE B 142 21.31 7.02 -26.56
C PHE B 142 22.16 8.23 -26.24
N GLU B 143 22.54 8.96 -27.29
CA GLU B 143 23.31 10.18 -27.09
C GLU B 143 22.50 11.15 -26.28
N SER B 144 23.10 11.62 -25.19
CA SER B 144 22.39 12.45 -24.23
C SER B 144 23.25 13.61 -23.77
N ASP B 145 22.60 14.66 -23.24
CA ASP B 145 23.30 15.79 -22.66
C ASP B 145 22.81 16.11 -21.22
N THR B 146 21.84 15.32 -20.76
CA THR B 146 21.29 15.46 -19.42
C THR B 146 21.22 14.05 -18.84
N PHE B 147 21.63 13.87 -17.59
CA PHE B 147 21.79 12.53 -17.04
C PHE B 147 21.13 12.32 -15.68
N PHE B 148 20.81 11.06 -15.37
CA PHE B 148 20.21 10.70 -14.08
C PHE B 148 21.33 10.22 -13.16
N PRO B 149 21.42 10.83 -11.97
CA PRO B 149 22.44 10.45 -10.97
C PRO B 149 22.35 8.96 -10.64
N GLU B 150 23.47 8.32 -10.31
CA GLU B 150 23.44 6.90 -9.95
C GLU B 150 22.69 6.70 -8.64
N ILE B 151 22.04 5.55 -8.49
CA ILE B 151 21.23 5.33 -7.30
C ILE B 151 22.06 4.69 -6.18
N ASP B 152 22.05 5.37 -5.04
CA ASP B 152 22.77 4.96 -3.83
C ASP B 152 22.09 3.76 -3.18
N LEU B 153 22.61 2.56 -3.42
CA LEU B 153 22.00 1.35 -2.88
C LEU B 153 22.22 1.18 -1.37
N GLU B 154 22.95 2.11 -0.76
CA GLU B 154 23.03 2.19 0.68
C GLU B 154 21.71 2.69 1.27
N LYS B 155 21.02 3.52 0.49
CA LYS B 155 19.74 4.08 0.94
C LYS B 155 18.54 3.43 0.27
N TYR B 156 18.68 3.10 -1.01
CA TYR B 156 17.56 2.57 -1.80
C TYR B 156 17.61 1.07 -1.99
N LYS B 157 16.43 0.44 -1.93
CA LYS B 157 16.32 -0.97 -2.29
C LYS B 157 15.51 -1.11 -3.56
N LEU B 158 16.00 -1.97 -4.45
CA LEU B 158 15.23 -2.36 -5.63
C LEU B 158 14.17 -3.36 -5.21
N LEU B 159 12.91 -3.02 -5.45
CA LEU B 159 11.82 -3.90 -5.07
C LEU B 159 11.62 -4.96 -6.15
N PRO B 160 11.61 -6.24 -5.76
CA PRO B 160 11.57 -7.37 -6.69
C PRO B 160 10.32 -7.32 -7.59
N GLU B 161 9.21 -6.85 -7.04
CA GLU B 161 8.04 -6.55 -7.84
C GLU B 161 7.27 -5.43 -7.15
N TYR B 162 6.22 -4.95 -7.81
CA TYR B 162 5.43 -3.89 -7.24
C TYR B 162 4.04 -3.92 -7.83
N PRO B 163 3.01 -3.83 -6.97
CA PRO B 163 1.62 -3.87 -7.44
C PRO B 163 1.37 -2.76 -8.45
N GLY B 164 0.80 -3.12 -9.60
CA GLY B 164 0.46 -2.15 -10.62
C GLY B 164 1.57 -1.89 -11.62
N VAL B 165 2.71 -2.55 -11.44
CA VAL B 165 3.86 -2.35 -12.31
C VAL B 165 4.30 -3.65 -12.97
N LEU B 166 4.39 -3.64 -14.30
CA LEU B 166 4.79 -4.83 -15.03
C LEU B 166 6.24 -5.22 -14.74
N SER B 167 6.50 -6.52 -14.61
CA SER B 167 7.82 -7.00 -14.22
C SER B 167 8.71 -7.38 -15.40
N ASP B 168 8.09 -7.83 -16.49
CA ASP B 168 8.83 -8.34 -17.64
C ASP B 168 9.41 -7.24 -18.51
N VAL B 169 10.41 -7.61 -19.31
CA VAL B 169 10.96 -6.69 -20.28
C VAL B 169 9.90 -6.31 -21.30
N GLN B 170 9.83 -5.01 -21.58
CA GLN B 170 8.89 -4.44 -22.54
C GLN B 170 9.64 -4.10 -23.82
N GLU B 171 8.91 -4.00 -24.92
CA GLU B 171 9.50 -3.58 -26.18
C GLU B 171 8.55 -2.71 -26.98
N GLU B 172 9.01 -1.52 -27.37
CA GLU B 172 8.25 -0.68 -28.30
C GLU B 172 9.20 -0.13 -29.35
N LYS B 173 8.78 -0.13 -30.62
CA LYS B 173 9.62 0.39 -31.69
C LYS B 173 11.02 -0.24 -31.70
N GLY B 174 11.08 -1.53 -31.36
CA GLY B 174 12.36 -2.23 -31.30
C GLY B 174 13.24 -1.89 -30.11
N ILE B 175 12.73 -1.09 -29.17
CA ILE B 175 13.54 -0.66 -28.02
C ILE B 175 13.05 -1.37 -26.78
N LYS B 176 13.95 -2.12 -26.14
CA LYS B 176 13.61 -2.85 -24.94
C LYS B 176 13.77 -1.98 -23.71
N TYR B 177 12.85 -2.14 -22.77
CA TYR B 177 12.97 -1.44 -21.50
C TYR B 177 12.27 -2.20 -20.39
N LYS B 178 12.57 -1.86 -19.14
CA LYS B 178 11.87 -2.47 -18.03
C LYS B 178 11.56 -1.47 -16.93
N PHE B 179 10.45 -1.69 -16.22
CA PHE B 179 10.04 -0.81 -15.13
C PHE B 179 10.63 -1.28 -13.80
N GLU B 180 11.32 -0.37 -13.10
CA GLU B 180 11.88 -0.69 -11.78
C GLU B 180 11.25 0.22 -10.73
N VAL B 181 11.13 -0.30 -9.52
CA VAL B 181 10.73 0.54 -8.40
C VAL B 181 11.75 0.42 -7.28
N TYR B 182 12.29 1.56 -6.87
CA TYR B 182 13.21 1.62 -5.73
C TYR B 182 12.55 2.31 -4.54
N GLU B 183 13.01 2.00 -3.34
CA GLU B 183 12.39 2.56 -2.15
C GLU B 183 13.41 2.78 -1.04
N LYS B 184 13.30 3.91 -0.37
CA LYS B 184 14.00 4.12 0.88
C LYS B 184 12.97 4.53 1.93
N ASN B 185 13.22 4.23 3.19
CA ASN B 185 12.24 4.53 4.23
C ASN B 185 12.63 5.68 5.16
N ASP B 186 13.88 6.10 5.10
CA ASP B 186 14.40 7.09 6.05
C ASP B 186 15.11 8.26 5.37
#